data_8ESD
#
_entry.id   8ESD
#
_cell.length_a   215.191
_cell.length_b   74.895
_cell.length_c   63.632
_cell.angle_alpha   90.000
_cell.angle_beta   96.397
_cell.angle_gamma   90.000
#
_symmetry.space_group_name_H-M   'C 1 2 1'
#
loop_
_entity.id
_entity.type
_entity.pdbx_description
1 polymer 'COMM domain-containing protein 10'
2 polymer 'COMM domain-containing protein 9'
3 polymer 'COMM domain-containing protein 5'
4 polymer 'COMM domain-containing protein 7'
#
loop_
_entity_poly.entity_id
_entity_poly.type
_entity_poly.pdbx_seq_one_letter_code
_entity_poly.pdbx_strand_id
1 'polypeptide(L)'
;SPSMKKAVSLINAIDTGRFPRLLTRILQKLHLKAESSFSEEEEEKLQAAFSLEKQDLHLVLETISFILEQAVYHNVKPAA
LQQQLENIHLRQDKAEAFVNTWSSMGQETVEKFRQRILAPCKLETVGWQLNLQMAHSAQAKLKSPQAVLQLGVNNEDSKS
LEKVLVEFSHKELFDFYNKLETIQAQLDSLT
;
T
2 'polypeptide(L)'
;TAEHFAALQSLLKASSKDVVRQLCQESFSSSALGLKKLLDVTCSSLSVTQEEAEELLQALHRLTRLVAFRDLSSAEAILA
LFPENFHQNLKNLLTKIILEHVSTWRTEAQANQISLPRLVDLDWRVDIKTSSDSISRMAVPTCLLQMKIQEDPSLCGDKP
SISAVTVELSKETLDTMLDGLGRIRDQLSAVASK
;
N
3 'polypeptide(L)' LPHVADFRWRVDVAISTSALARSLQPSVLMQLKLSDGSAYRFEVPTAKFQELRYSVALVLKEMADLEKRCERRLD F
4 'polypeptide(L)' INQLIDMEWKFGVTSGSSELEKVGSIFLQLKLVVKKGNQTENVYIELTLPQFYSFLHEMERVRTSMECFC S
#
# COMPACT_ATOMS: atom_id res chain seq x y z
N SER A 1 -15.03 0.53 35.46
CA SER A 1 -15.33 -0.53 34.50
C SER A 1 -16.41 -1.47 35.04
N PRO A 2 -17.63 -0.94 35.22
CA PRO A 2 -18.72 -1.74 35.80
C PRO A 2 -18.91 -3.10 35.15
N SER A 3 -18.64 -3.22 33.85
CA SER A 3 -18.77 -4.51 33.18
C SER A 3 -17.70 -5.49 33.66
N MET A 4 -16.48 -4.98 33.88
CA MET A 4 -15.36 -5.80 34.32
C MET A 4 -15.65 -6.49 35.67
N LYS A 5 -16.44 -5.83 36.52
CA LYS A 5 -16.73 -6.32 37.86
C LYS A 5 -17.13 -7.80 37.89
N LYS A 6 -17.93 -8.24 36.94
CA LYS A 6 -18.30 -9.66 36.86
C LYS A 6 -17.11 -10.55 36.52
N ALA A 7 -16.32 -10.16 35.52
CA ALA A 7 -15.17 -10.96 35.08
C ALA A 7 -14.09 -11.08 36.14
N VAL A 8 -13.84 -10.03 36.92
CA VAL A 8 -12.78 -10.08 37.94
C VAL A 8 -13.06 -11.17 38.97
N SER A 9 -14.32 -11.31 39.39
CA SER A 9 -14.67 -12.39 40.31
C SER A 9 -14.56 -13.76 39.65
N LEU A 10 -15.03 -13.89 38.41
CA LEU A 10 -14.98 -15.17 37.70
C LEU A 10 -13.56 -15.65 37.47
N ILE A 11 -12.67 -14.76 37.03
CA ILE A 11 -11.29 -15.14 36.73
C ILE A 11 -10.52 -15.48 38.01
N ASN A 12 -10.70 -14.69 39.07
CA ASN A 12 -10.01 -14.97 40.33
C ASN A 12 -10.32 -16.36 40.86
N ALA A 13 -11.55 -16.84 40.66
CA ALA A 13 -11.96 -18.15 41.15
C ALA A 13 -11.51 -19.31 40.24
N ILE A 14 -11.12 -19.02 39.00
CA ILE A 14 -10.68 -20.07 38.08
C ILE A 14 -9.41 -20.75 38.58
N ASP A 15 -9.32 -22.06 38.33
CA ASP A 15 -8.17 -22.89 38.66
C ASP A 15 -6.87 -22.29 38.11
N THR A 16 -5.97 -21.92 39.02
CA THR A 16 -4.71 -21.29 38.64
C THR A 16 -3.79 -22.24 37.87
N GLY A 17 -3.91 -23.55 38.08
CA GLY A 17 -3.06 -24.50 37.36
C GLY A 17 -3.44 -24.68 35.91
N ARG A 18 -4.68 -24.35 35.56
CA ARG A 18 -5.21 -24.46 34.21
C ARG A 18 -5.13 -23.15 33.45
N PHE A 19 -4.92 -22.06 34.18
CA PHE A 19 -4.94 -20.71 33.62
C PHE A 19 -3.86 -20.43 32.57
N PRO A 20 -2.58 -20.81 32.75
CA PRO A 20 -1.59 -20.51 31.69
C PRO A 20 -1.86 -21.19 30.36
N ARG A 21 -2.42 -22.40 30.37
CA ARG A 21 -2.70 -23.12 29.14
C ARG A 21 -3.72 -22.38 28.27
N LEU A 22 -4.73 -21.78 28.90
CA LEU A 22 -5.74 -21.03 28.16
C LEU A 22 -5.20 -19.70 27.63
N LEU A 23 -4.41 -18.98 28.45
CA LEU A 23 -3.83 -17.72 28.00
C LEU A 23 -3.00 -17.91 26.73
N THR A 24 -2.15 -18.95 26.72
CA THR A 24 -1.34 -19.22 25.53
C THR A 24 -2.22 -19.46 24.31
N ARG A 25 -3.33 -20.18 24.50
CA ARG A 25 -4.25 -20.48 23.41
C ARG A 25 -4.88 -19.21 22.85
N ILE A 26 -5.28 -18.28 23.71
CA ILE A 26 -5.87 -17.02 23.26
C ILE A 26 -4.84 -16.14 22.56
N LEU A 27 -3.59 -16.17 23.01
CA LEU A 27 -2.53 -15.42 22.32
C LEU A 27 -2.33 -15.99 20.93
N GLN A 28 -2.36 -17.31 20.81
CA GLN A 28 -2.30 -17.97 19.51
C GLN A 28 -3.47 -17.54 18.63
N LYS A 29 -4.66 -17.40 19.22
CA LYS A 29 -5.83 -16.91 18.49
C LYS A 29 -5.65 -15.48 18.01
N LEU A 30 -5.00 -14.63 18.80
CA LEU A 30 -4.89 -13.20 18.48
C LEU A 30 -4.07 -12.89 17.23
N HIS A 31 -3.06 -13.69 16.86
CA HIS A 31 -2.35 -13.34 15.63
C HIS A 31 -3.26 -13.31 14.40
N LEU A 32 -4.37 -14.05 14.43
CA LEU A 32 -5.48 -13.79 13.52
C LEU A 32 -6.71 -13.36 14.30
N LYS A 33 -7.69 -14.24 14.42
CA LYS A 33 -8.99 -13.89 14.98
C LYS A 33 -8.89 -13.63 16.48
N GLU A 42 -14.24 -28.16 21.18
CA GLU A 42 -13.24 -27.63 22.10
C GLU A 42 -13.89 -26.75 23.17
N GLU A 43 -14.94 -26.04 22.77
CA GLU A 43 -15.75 -25.29 23.73
C GLU A 43 -16.33 -26.21 24.81
N GLU A 44 -16.76 -27.42 24.43
CA GLU A 44 -17.36 -28.31 25.43
C GLU A 44 -16.34 -28.71 26.48
N LYS A 45 -15.09 -28.91 26.06
CA LYS A 45 -14.03 -29.28 26.99
C LYS A 45 -13.79 -28.16 28.00
N LEU A 46 -13.86 -26.91 27.54
CA LEU A 46 -13.70 -25.77 28.43
C LEU A 46 -14.91 -25.62 29.35
N GLN A 47 -16.12 -25.80 28.82
CA GLN A 47 -17.33 -25.68 29.64
C GLN A 47 -17.30 -26.65 30.82
N ALA A 48 -16.89 -27.90 30.56
CA ALA A 48 -16.78 -28.89 31.63
C ALA A 48 -15.64 -28.56 32.59
N ALA A 49 -14.48 -28.18 32.06
CA ALA A 49 -13.32 -27.90 32.91
C ALA A 49 -13.51 -26.67 33.77
N PHE A 50 -14.13 -25.61 33.24
CA PHE A 50 -14.27 -24.37 33.97
C PHE A 50 -15.67 -24.18 34.57
N SER A 51 -16.56 -25.17 34.40
CA SER A 51 -17.90 -25.16 34.98
C SER A 51 -18.68 -23.89 34.69
N LEU A 52 -18.62 -23.43 33.44
CA LEU A 52 -19.38 -22.25 33.03
C LEU A 52 -20.19 -22.57 31.79
N GLU A 53 -21.45 -22.14 31.77
CA GLU A 53 -22.27 -22.26 30.58
C GLU A 53 -21.72 -21.37 29.47
N LYS A 54 -22.07 -21.70 28.23
CA LYS A 54 -21.49 -21.06 27.05
C LYS A 54 -21.50 -19.54 27.14
N GLN A 55 -22.65 -18.94 27.43
CA GLN A 55 -22.72 -17.49 27.57
C GLN A 55 -21.86 -16.99 28.74
N ASP A 56 -21.79 -17.75 29.83
CA ASP A 56 -20.98 -17.34 30.97
C ASP A 56 -19.49 -17.49 30.67
N LEU A 57 -19.11 -18.59 30.04
CA LEU A 57 -17.72 -18.83 29.66
C LEU A 57 -17.19 -17.75 28.72
N HIS A 58 -17.98 -17.36 27.72
CA HIS A 58 -17.56 -16.35 26.75
C HIS A 58 -17.15 -15.04 27.41
N LEU A 59 -17.82 -14.62 28.48
CA LEU A 59 -17.43 -13.35 29.11
C LEU A 59 -15.98 -13.39 29.58
N VAL A 60 -15.54 -14.54 30.10
CA VAL A 60 -14.15 -14.68 30.53
C VAL A 60 -13.22 -14.55 29.33
N LEU A 61 -13.53 -15.32 28.26
CA LEU A 61 -12.72 -15.30 27.04
C LEU A 61 -12.68 -13.90 26.45
N GLU A 62 -13.82 -13.21 26.43
CA GLU A 62 -13.88 -11.84 25.91
C GLU A 62 -13.08 -10.89 26.78
N THR A 63 -13.10 -11.11 28.10
CA THR A 63 -12.35 -10.22 29.00
C THR A 63 -10.85 -10.42 28.85
N ILE A 64 -10.39 -11.68 28.81
CA ILE A 64 -8.97 -11.94 28.62
C ILE A 64 -8.49 -11.35 27.30
N SER A 65 -9.22 -11.63 26.22
CA SER A 65 -8.87 -11.07 24.91
C SER A 65 -8.80 -9.55 24.95
N PHE A 66 -9.81 -8.90 25.54
CA PHE A 66 -9.80 -7.44 25.64
C PHE A 66 -8.58 -6.96 26.41
N ILE A 67 -8.20 -7.67 27.48
CA ILE A 67 -7.03 -7.28 28.26
C ILE A 67 -5.77 -7.39 27.41
N LEU A 68 -5.63 -8.51 26.70
CA LEU A 68 -4.47 -8.71 25.84
C LEU A 68 -4.46 -7.73 24.67
N GLU A 69 -5.63 -7.47 24.07
CA GLU A 69 -5.69 -6.54 22.95
C GLU A 69 -5.35 -5.12 23.38
N GLN A 70 -5.78 -4.73 24.59
CA GLN A 70 -5.40 -3.43 25.12
C GLN A 70 -3.91 -3.39 25.42
N ALA A 71 -3.39 -4.47 26.02
CA ALA A 71 -1.97 -4.55 26.37
C ALA A 71 -1.08 -4.43 25.13
N VAL A 72 -1.46 -5.11 24.05
CA VAL A 72 -0.67 -5.05 22.82
C VAL A 72 -0.75 -3.67 22.18
N TYR A 73 -1.95 -3.07 22.14
CA TYR A 73 -2.12 -1.76 21.55
C TYR A 73 -1.16 -0.73 22.16
N HIS A 74 -1.06 -0.69 23.48
CA HIS A 74 -0.18 0.28 24.13
C HIS A 74 1.24 -0.22 24.37
N ASN A 75 1.56 -1.47 24.02
CA ASN A 75 2.86 -2.07 24.30
C ASN A 75 3.26 -1.88 25.77
N VAL A 76 2.34 -2.24 26.66
CA VAL A 76 2.54 -2.03 28.09
C VAL A 76 3.70 -2.87 28.61
N LYS A 77 4.50 -2.27 29.50
CA LYS A 77 5.56 -2.95 30.20
C LYS A 77 4.97 -3.84 31.30
N PRO A 78 5.70 -4.90 31.70
CA PRO A 78 5.20 -5.77 32.77
C PRO A 78 4.84 -5.01 34.03
N ALA A 79 5.66 -4.05 34.43
CA ALA A 79 5.36 -3.23 35.60
C ALA A 79 4.12 -2.37 35.36
N ALA A 80 3.93 -1.91 34.11
CA ALA A 80 2.76 -1.11 33.78
C ALA A 80 1.49 -1.96 33.75
N LEU A 81 1.59 -3.20 33.26
CA LEU A 81 0.44 -4.09 33.24
C LEU A 81 -0.02 -4.43 34.65
N GLN A 82 0.92 -4.78 35.54
CA GLN A 82 0.54 -5.09 36.91
C GLN A 82 0.01 -3.86 37.65
N GLN A 83 0.45 -2.67 37.26
CA GLN A 83 -0.08 -1.46 37.88
C GLN A 83 -1.56 -1.29 37.58
N GLN A 84 -1.97 -1.64 36.35
CA GLN A 84 -3.39 -1.59 36.00
C GLN A 84 -4.16 -2.73 36.63
N LEU A 85 -3.54 -3.92 36.70
CA LEU A 85 -4.21 -5.09 37.28
C LEU A 85 -4.46 -4.92 38.78
N GLU A 86 -3.49 -4.38 39.51
CA GLU A 86 -3.66 -4.15 40.94
C GLU A 86 -4.73 -3.11 41.24
N ASN A 87 -4.95 -2.16 40.33
CA ASN A 87 -5.99 -1.16 40.49
C ASN A 87 -7.41 -1.68 40.22
N ILE A 88 -7.57 -2.76 39.46
CA ILE A 88 -8.91 -3.25 39.12
C ILE A 88 -9.35 -4.40 40.03
N HIS A 89 -8.67 -4.60 41.16
CA HIS A 89 -9.01 -5.59 42.19
C HIS A 89 -8.70 -7.03 41.81
N LEU A 90 -7.90 -7.28 40.77
CA LEU A 90 -7.50 -8.65 40.49
C LEU A 90 -6.46 -9.09 41.53
N ARG A 91 -6.61 -10.31 42.04
CA ARG A 91 -5.60 -10.83 42.95
C ARG A 91 -4.28 -11.08 42.24
N GLN A 92 -3.20 -10.80 42.96
CA GLN A 92 -1.83 -10.92 42.44
C GLN A 92 -1.52 -12.27 41.81
N ASP A 93 -2.05 -13.37 42.37
CA ASP A 93 -1.68 -14.68 41.83
C ASP A 93 -2.15 -14.85 40.39
N LYS A 94 -3.29 -14.26 40.02
CA LYS A 94 -3.68 -14.26 38.62
C LYS A 94 -2.82 -13.29 37.82
N ALA A 95 -2.52 -12.13 38.42
CA ALA A 95 -1.66 -11.13 37.78
C ALA A 95 -0.28 -11.69 37.49
N GLU A 96 0.26 -12.50 38.40
CA GLU A 96 1.56 -13.12 38.19
C GLU A 96 1.54 -14.01 36.95
N ALA A 97 0.45 -14.73 36.73
CA ALA A 97 0.34 -15.57 35.54
C ALA A 97 0.25 -14.71 34.28
N PHE A 98 -0.54 -13.63 34.31
CA PHE A 98 -0.63 -12.74 33.16
C PHE A 98 0.73 -12.14 32.84
N VAL A 99 1.40 -11.60 33.85
CA VAL A 99 2.68 -10.92 33.64
C VAL A 99 3.76 -11.89 33.15
N ASN A 100 3.82 -13.10 33.71
CA ASN A 100 4.76 -14.09 33.21
C ASN A 100 4.50 -14.41 31.74
N THR A 101 3.23 -14.68 31.39
CA THR A 101 2.88 -15.02 30.02
C THR A 101 3.20 -13.87 29.06
N TRP A 102 2.86 -12.65 29.47
CA TRP A 102 3.13 -11.46 28.68
C TRP A 102 4.62 -11.19 28.52
N SER A 103 5.40 -11.31 29.61
CA SER A 103 6.83 -11.00 29.55
C SER A 103 7.58 -11.85 28.52
N SER A 104 7.17 -13.10 28.32
CA SER A 104 7.86 -13.95 27.35
C SER A 104 7.38 -13.79 25.92
N MET A 105 6.09 -13.99 25.67
CA MET A 105 5.51 -13.92 24.33
C MET A 105 5.10 -12.51 23.90
N GLY A 106 5.21 -11.52 24.78
CA GLY A 106 4.80 -10.16 24.49
C GLY A 106 5.37 -9.53 23.24
N GLN A 107 6.69 -9.27 23.23
CA GLN A 107 7.32 -8.63 22.08
C GLN A 107 7.06 -9.37 20.79
N GLU A 108 7.06 -10.71 20.81
CA GLU A 108 6.76 -11.44 19.59
C GLU A 108 5.30 -11.28 19.19
N THR A 109 4.39 -11.17 20.16
CA THR A 109 2.98 -10.95 19.85
C THR A 109 2.81 -9.58 19.19
N VAL A 110 3.40 -8.55 19.80
CA VAL A 110 3.36 -7.19 19.25
C VAL A 110 3.96 -7.16 17.86
N GLU A 111 5.09 -7.85 17.65
CA GLU A 111 5.73 -7.86 16.34
C GLU A 111 4.81 -8.41 15.26
N LYS A 112 4.04 -9.46 15.56
CA LYS A 112 3.09 -9.96 14.57
C LYS A 112 2.03 -8.91 14.25
N PHE A 113 1.51 -8.24 15.28
CA PHE A 113 0.55 -7.18 15.04
C PHE A 113 1.22 -6.01 14.33
N ARG A 114 2.51 -5.82 14.57
CA ARG A 114 3.28 -4.80 13.89
C ARG A 114 3.55 -5.19 12.44
N GLN A 115 3.59 -6.49 12.16
CA GLN A 115 3.82 -7.01 10.82
C GLN A 115 2.55 -7.22 10.02
N ARG A 116 1.43 -7.49 10.68
CA ARG A 116 0.19 -7.86 9.99
C ARG A 116 -0.30 -6.75 9.07
N ILE A 117 -0.42 -7.08 7.78
CA ILE A 117 -0.86 -6.15 6.75
C ILE A 117 -2.37 -6.00 6.77
N LEU A 118 -2.84 -4.77 6.51
CA LEU A 118 -4.27 -4.49 6.39
C LEU A 118 -4.82 -4.89 5.03
N ALA A 119 -4.14 -4.49 3.96
CA ALA A 119 -4.61 -4.70 2.60
C ALA A 119 -4.87 -6.18 2.30
N PRO A 120 -5.72 -6.47 1.31
CA PRO A 120 -6.15 -7.86 1.11
C PRO A 120 -5.08 -8.73 0.48
N CYS A 121 -4.31 -8.21 -0.46
CA CYS A 121 -3.36 -8.99 -1.24
C CYS A 121 -1.95 -8.70 -0.73
N LYS A 122 -1.24 -9.76 -0.35
CA LYS A 122 0.11 -9.66 0.18
C LYS A 122 0.99 -10.71 -0.52
N LEU A 123 2.19 -10.30 -0.90
CA LEU A 123 3.13 -11.21 -1.54
C LEU A 123 3.66 -12.22 -0.52
N GLU A 124 3.45 -13.50 -0.80
CA GLU A 124 3.81 -14.57 0.12
C GLU A 124 5.01 -15.40 -0.33
N THR A 125 4.98 -15.92 -1.56
CA THR A 125 6.04 -16.76 -2.07
C THR A 125 6.70 -16.10 -3.28
N VAL A 126 8.04 -16.19 -3.33
CA VAL A 126 8.81 -15.73 -4.47
C VAL A 126 9.58 -16.93 -5.02
N GLY A 127 9.36 -17.24 -6.29
CA GLY A 127 10.08 -18.31 -6.95
C GLY A 127 10.62 -17.88 -8.30
N TRP A 128 11.87 -18.20 -8.56
CA TRP A 128 12.52 -17.94 -9.84
C TRP A 128 12.89 -19.25 -10.51
N GLN A 129 12.68 -19.33 -11.81
CA GLN A 129 13.37 -20.32 -12.60
C GLN A 129 13.82 -19.68 -13.91
N LEU A 130 14.82 -20.31 -14.55
CA LEU A 130 15.51 -19.75 -15.70
C LEU A 130 15.52 -20.74 -16.86
N ASN A 131 15.32 -20.22 -18.07
CA ASN A 131 15.03 -21.07 -19.23
C ASN A 131 15.99 -20.70 -20.34
N LEU A 132 16.56 -21.72 -20.98
CA LEU A 132 17.76 -21.60 -21.79
C LEU A 132 17.56 -22.34 -23.10
N GLN A 133 18.14 -21.79 -24.16
CA GLN A 133 18.05 -22.35 -25.51
C GLN A 133 19.44 -22.31 -26.11
N MET A 134 19.76 -23.32 -26.92
CA MET A 134 21.13 -23.78 -27.07
C MET A 134 21.54 -23.82 -28.54
N ALA A 135 22.82 -23.50 -28.78
CA ALA A 135 23.32 -23.05 -30.08
C ALA A 135 24.67 -23.74 -30.29
N HIS A 136 24.61 -24.96 -30.81
CA HIS A 136 25.78 -25.72 -31.23
C HIS A 136 26.31 -25.28 -32.60
N SER A 137 25.49 -24.60 -33.40
CA SER A 137 25.82 -24.27 -34.77
C SER A 137 26.57 -22.94 -34.85
N ALA A 138 27.06 -22.64 -36.05
CA ALA A 138 27.76 -21.37 -36.27
C ALA A 138 26.82 -20.19 -36.05
N GLN A 139 25.60 -20.26 -36.58
CA GLN A 139 24.53 -19.40 -36.09
C GLN A 139 23.18 -20.01 -36.51
N ALA A 140 22.55 -20.71 -35.56
CA ALA A 140 21.16 -21.11 -35.76
C ALA A 140 20.23 -19.92 -35.50
N LYS A 141 20.47 -19.23 -34.39
CA LYS A 141 20.11 -17.84 -34.12
C LYS A 141 20.70 -17.47 -32.76
N LEU A 142 21.36 -16.32 -32.68
CA LEU A 142 21.95 -15.86 -31.42
C LEU A 142 20.87 -15.39 -30.47
N LYS A 143 20.40 -16.28 -29.60
CA LYS A 143 19.14 -16.11 -28.88
C LYS A 143 19.40 -16.12 -27.38
N SER A 144 18.67 -15.28 -26.65
CA SER A 144 18.94 -15.03 -25.24
C SER A 144 18.26 -16.08 -24.36
N PRO A 145 18.76 -16.28 -23.14
CA PRO A 145 17.92 -16.86 -22.08
C PRO A 145 16.77 -15.94 -21.72
N GLN A 146 15.80 -16.52 -21.00
CA GLN A 146 14.76 -15.74 -20.34
C GLN A 146 14.39 -16.34 -19.00
N ALA A 147 14.15 -15.47 -18.02
CA ALA A 147 13.73 -15.86 -16.68
C ALA A 147 12.21 -15.76 -16.56
N VAL A 148 11.64 -16.56 -15.67
CA VAL A 148 10.25 -16.40 -15.24
C VAL A 148 10.18 -16.34 -13.72
N LEU A 149 9.28 -15.50 -13.21
CA LEU A 149 9.12 -15.24 -11.79
C LEU A 149 7.75 -15.77 -11.34
N GLN A 150 7.77 -16.66 -10.35
CA GLN A 150 6.58 -17.05 -9.60
C GLN A 150 6.37 -16.06 -8.45
N LEU A 151 5.30 -15.28 -8.54
CA LEU A 151 4.76 -14.52 -7.40
C LEU A 151 3.57 -15.24 -6.79
N GLY A 152 3.68 -15.55 -5.50
CA GLY A 152 2.53 -16.00 -4.72
C GLY A 152 1.80 -14.87 -4.04
N VAL A 153 0.79 -14.31 -4.71
CA VAL A 153 0.01 -13.20 -4.16
C VAL A 153 -1.10 -13.81 -3.29
N ASN A 154 -0.91 -13.77 -1.97
CA ASN A 154 -1.91 -14.22 -1.02
C ASN A 154 -3.07 -13.24 -0.97
N ASN A 155 -4.23 -13.62 -1.52
CA ASN A 155 -5.48 -12.93 -1.24
C ASN A 155 -5.95 -13.35 0.15
N GLU A 156 -5.42 -12.64 1.16
CA GLU A 156 -5.63 -13.02 2.55
C GLU A 156 -7.10 -12.97 2.96
N ASP A 157 -7.92 -12.22 2.22
CA ASP A 157 -9.37 -12.34 2.38
C ASP A 157 -9.84 -13.79 2.19
N SER A 158 -9.19 -14.53 1.30
CA SER A 158 -9.57 -15.90 1.01
C SER A 158 -8.57 -16.93 1.49
N LYS A 159 -7.30 -16.54 1.66
CA LYS A 159 -6.17 -17.47 1.69
C LYS A 159 -6.13 -18.34 0.44
N SER A 160 -6.36 -17.72 -0.71
CA SER A 160 -6.14 -18.34 -2.00
C SER A 160 -4.99 -17.60 -2.68
N LEU A 161 -3.92 -18.32 -3.01
CA LEU A 161 -2.83 -17.73 -3.77
C LEU A 161 -3.22 -17.56 -5.23
N GLU A 162 -3.03 -16.35 -5.76
CA GLU A 162 -2.79 -16.19 -7.18
C GLU A 162 -1.31 -16.44 -7.45
N LYS A 163 -1.01 -17.57 -8.10
CA LYS A 163 0.35 -17.85 -8.56
C LYS A 163 0.56 -17.14 -9.90
N VAL A 164 1.28 -16.01 -9.86
CA VAL A 164 1.39 -15.10 -11.00
C VAL A 164 2.77 -15.27 -11.63
N LEU A 165 2.79 -15.42 -12.96
CA LEU A 165 3.99 -15.74 -13.71
C LEU A 165 4.34 -14.57 -14.62
N VAL A 166 5.53 -14.02 -14.46
CA VAL A 166 6.03 -12.95 -15.33
C VAL A 166 7.41 -13.34 -15.85
N GLU A 167 7.65 -13.04 -17.12
CA GLU A 167 8.82 -13.49 -17.86
C GLU A 167 9.72 -12.29 -18.18
N PHE A 168 11.03 -12.47 -18.06
CA PHE A 168 11.99 -11.42 -18.32
C PHE A 168 13.13 -11.92 -19.20
N SER A 169 13.47 -11.13 -20.21
CA SER A 169 14.78 -11.17 -20.84
C SER A 169 15.82 -10.50 -19.94
N HIS A 170 17.09 -10.81 -20.19
CA HIS A 170 18.17 -10.04 -19.57
C HIS A 170 18.03 -8.55 -19.88
N LYS A 171 17.51 -8.22 -21.06
CA LYS A 171 17.30 -6.84 -21.47
C LYS A 171 16.27 -6.14 -20.59
N GLU A 172 15.32 -6.89 -20.02
CA GLU A 172 14.29 -6.35 -19.14
C GLU A 172 14.62 -6.46 -17.66
N LEU A 173 15.07 -7.63 -17.21
CA LEU A 173 15.24 -7.87 -15.78
C LEU A 173 16.20 -6.88 -15.14
N PHE A 174 17.19 -6.39 -15.89
CA PHE A 174 18.07 -5.36 -15.37
C PHE A 174 17.34 -4.04 -15.14
N ASP A 175 16.40 -3.69 -16.03
CA ASP A 175 15.59 -2.50 -15.80
C ASP A 175 14.73 -2.66 -14.54
N PHE A 176 14.10 -3.82 -14.39
CA PHE A 176 13.35 -4.14 -13.17
C PHE A 176 14.24 -4.08 -11.92
N TYR A 177 15.47 -4.58 -12.02
CA TYR A 177 16.40 -4.53 -10.90
C TYR A 177 16.72 -3.09 -10.47
N ASN A 178 16.92 -2.19 -11.44
CA ASN A 178 17.16 -0.79 -11.11
C ASN A 178 16.00 -0.13 -10.39
N LYS A 179 14.76 -0.55 -10.69
CA LYS A 179 13.61 -0.08 -9.92
C LYS A 179 13.62 -0.63 -8.48
N LEU A 180 13.89 -1.92 -8.31
CA LEU A 180 14.03 -2.46 -6.95
C LEU A 180 15.17 -1.79 -6.19
N GLU A 181 16.24 -1.40 -6.89
CA GLU A 181 17.32 -0.67 -6.23
C GLU A 181 16.90 0.75 -5.86
N THR A 182 16.01 1.35 -6.65
CA THR A 182 15.41 2.62 -6.29
C THR A 182 14.51 2.51 -5.07
N ILE A 183 13.65 1.49 -5.05
CA ILE A 183 12.85 1.20 -3.86
C ILE A 183 13.75 1.00 -2.64
N GLN A 184 14.85 0.25 -2.79
CA GLN A 184 15.76 0.07 -1.67
C GLN A 184 16.37 1.40 -1.23
N ALA A 185 16.67 2.30 -2.17
CA ALA A 185 17.18 3.60 -1.79
C ALA A 185 16.16 4.39 -0.98
N GLN A 186 14.89 4.33 -1.40
CA GLN A 186 13.80 4.93 -0.63
C GLN A 186 13.66 4.26 0.73
N LEU A 187 13.67 2.93 0.75
CA LEU A 187 13.46 2.18 1.98
C LEU A 187 14.62 2.36 2.95
N ASP A 188 15.82 2.59 2.44
CA ASP A 188 16.96 2.91 3.29
C ASP A 188 16.97 4.37 3.74
N SER A 189 16.22 5.25 3.07
CA SER A 189 16.14 6.63 3.52
C SER A 189 15.32 6.76 4.80
N LEU A 190 14.41 5.82 5.05
CA LEU A 190 13.83 5.68 6.39
C LEU A 190 14.86 5.39 7.46
N THR A 191 16.09 5.03 7.08
CA THR A 191 17.22 4.87 8.01
C THR A 191 16.91 3.89 9.13
N THR B 1 19.99 9.08 -22.17
CA THR B 1 20.87 8.53 -23.19
C THR B 1 21.13 9.56 -24.29
N ALA B 2 22.19 9.31 -25.07
CA ALA B 2 22.57 10.22 -26.15
C ALA B 2 21.43 10.41 -27.15
N GLU B 3 20.70 9.33 -27.44
CA GLU B 3 19.60 9.42 -28.40
C GLU B 3 18.54 10.42 -27.96
N HIS B 4 18.28 10.48 -26.66
CA HIS B 4 17.34 11.45 -26.11
C HIS B 4 17.80 12.88 -26.39
N PHE B 5 19.06 13.19 -26.08
CA PHE B 5 19.58 14.54 -26.28
C PHE B 5 19.58 14.94 -27.75
N ALA B 6 19.90 14.00 -28.65
CA ALA B 6 19.79 14.25 -30.07
C ALA B 6 18.35 14.57 -30.48
N ALA B 7 17.38 13.90 -29.87
CA ALA B 7 15.97 14.13 -30.22
C ALA B 7 15.52 15.52 -29.77
N LEU B 8 15.95 15.96 -28.58
CA LEU B 8 15.45 17.22 -28.03
C LEU B 8 15.77 18.42 -28.93
N GLN B 9 16.86 18.34 -29.69
CA GLN B 9 17.22 19.43 -30.61
C GLN B 9 16.13 19.69 -31.65
N SER B 10 15.25 18.71 -31.89
CA SER B 10 14.13 18.90 -32.81
C SER B 10 13.24 20.07 -32.40
N LEU B 11 13.24 20.44 -31.11
CA LEU B 11 12.48 21.60 -30.66
C LEU B 11 12.97 22.90 -31.30
N LEU B 12 14.19 22.92 -31.84
CA LEU B 12 14.68 24.12 -32.51
C LEU B 12 13.87 24.44 -33.77
N LYS B 13 13.05 23.50 -34.24
CA LYS B 13 12.17 23.74 -35.38
C LYS B 13 10.86 24.40 -34.96
N ALA B 14 10.63 24.54 -33.65
CA ALA B 14 9.37 25.05 -33.12
C ALA B 14 9.16 26.53 -33.44
N SER B 15 7.89 26.90 -33.64
CA SER B 15 7.91 28.40 -33.69
CA SER B 15 7.12 28.08 -33.98
C SER B 15 6.78 29.01 -32.85
N SER B 16 6.82 28.60 -31.58
CA SER B 16 6.58 29.48 -30.44
C SER B 16 7.21 28.86 -29.21
N LYS B 17 7.45 29.70 -28.20
CA LYS B 17 7.83 29.20 -26.88
C LYS B 17 6.74 28.32 -26.28
N ASP B 18 5.48 28.67 -26.51
CA ASP B 18 4.35 27.87 -26.05
C ASP B 18 4.34 26.47 -26.64
N VAL B 19 4.73 26.32 -27.91
CA VAL B 19 4.83 24.98 -28.48
C VAL B 19 5.80 24.13 -27.68
N VAL B 20 6.93 24.69 -27.27
CA VAL B 20 7.85 23.97 -26.41
C VAL B 20 7.19 23.73 -25.05
N ARG B 21 6.61 24.78 -24.48
CA ARG B 21 5.92 24.70 -23.19
C ARG B 21 4.84 23.63 -23.18
N GLN B 22 3.97 23.63 -24.20
CA GLN B 22 2.87 22.67 -24.21
C GLN B 22 3.38 21.25 -24.43
N LEU B 23 4.38 21.08 -25.27
CA LEU B 23 4.93 19.74 -25.48
C LEU B 23 5.56 19.19 -24.21
N CYS B 24 6.22 20.04 -23.42
CA CYS B 24 6.75 19.59 -22.13
C CYS B 24 5.63 19.11 -21.21
N GLN B 25 4.57 19.91 -21.09
CA GLN B 25 3.46 19.55 -20.20
C GLN B 25 2.82 18.24 -20.65
N GLU B 26 2.53 18.13 -21.95
CA GLU B 26 1.88 16.94 -22.49
C GLU B 26 2.79 15.72 -22.45
N SER B 27 4.10 15.90 -22.63
CA SER B 27 5.00 14.77 -22.57
C SER B 27 5.09 14.19 -21.16
N PHE B 28 5.07 15.04 -20.13
CA PHE B 28 5.04 14.52 -18.77
C PHE B 28 3.71 13.81 -18.47
N SER B 29 2.59 14.51 -18.63
CA SER B 29 1.16 14.19 -18.75
CA SER B 29 1.36 14.00 -18.12
C SER B 29 0.88 12.70 -18.83
N SER B 30 0.97 12.48 -20.14
CA SER B 30 0.52 11.25 -20.76
C SER B 30 1.43 10.08 -20.41
N SER B 31 0.81 8.94 -20.21
N SER B 31 0.81 8.97 -19.92
CA SER B 31 1.56 7.86 -19.66
CA SER B 31 1.48 7.72 -19.49
C SER B 31 2.55 7.42 -20.71
C SER B 31 2.32 7.03 -20.58
N ALA B 32 3.60 6.76 -20.24
CA ALA B 32 4.72 6.34 -21.07
C ALA B 32 4.33 5.51 -22.30
N LEU B 33 3.44 4.54 -22.12
CA LEU B 33 2.84 3.79 -23.23
C LEU B 33 1.77 4.55 -24.02
N GLY B 34 1.29 5.70 -23.53
CA GLY B 34 0.16 6.40 -24.10
C GLY B 34 0.46 7.61 -24.96
N LEU B 35 1.73 8.00 -25.11
CA LEU B 35 2.08 9.28 -25.73
C LEU B 35 1.63 9.35 -27.19
N LYS B 36 1.45 8.19 -27.83
CA LYS B 36 1.34 8.04 -29.28
C LYS B 36 0.22 8.86 -29.92
N LYS B 37 -0.82 9.23 -29.17
CA LYS B 37 -2.02 9.81 -29.77
C LYS B 37 -1.81 11.18 -30.43
N LEU B 38 -0.73 11.90 -30.12
CA LEU B 38 -0.43 13.18 -30.77
C LEU B 38 0.61 13.10 -31.88
N LEU B 39 1.07 11.90 -32.26
CA LEU B 39 2.29 11.78 -33.05
C LEU B 39 2.20 12.50 -34.39
N ASP B 40 1.10 12.28 -35.14
CA ASP B 40 0.93 13.00 -36.41
C ASP B 40 0.82 14.52 -36.23
N VAL B 41 0.02 14.98 -35.27
CA VAL B 41 -0.09 16.42 -35.08
C VAL B 41 1.23 16.98 -34.56
N THR B 42 1.97 16.19 -33.78
CA THR B 42 3.31 16.58 -33.36
C THR B 42 4.24 16.65 -34.57
N CYS B 43 4.21 15.61 -35.41
CA CYS B 43 4.95 15.66 -36.67
C CYS B 43 4.67 16.93 -37.45
N SER B 44 3.40 17.34 -37.53
CA SER B 44 3.08 18.50 -38.35
C SER B 44 3.63 19.78 -37.71
N SER B 45 3.71 19.83 -36.38
CA SER B 45 4.09 21.10 -35.84
CA SER B 45 4.23 20.90 -35.49
C SER B 45 5.57 21.39 -36.01
N LEU B 46 6.49 20.43 -35.89
CA LEU B 46 7.92 20.63 -36.09
C LEU B 46 8.38 20.19 -37.47
N SER B 47 7.53 19.55 -38.27
CA SER B 47 7.90 18.88 -39.52
C SER B 47 8.99 17.83 -39.31
N VAL B 48 8.69 16.87 -38.43
CA VAL B 48 9.57 15.74 -38.17
C VAL B 48 8.82 14.45 -38.52
N THR B 49 9.58 13.35 -38.60
CA THR B 49 8.98 12.03 -38.82
C THR B 49 8.32 11.51 -37.55
N GLN B 50 7.41 10.56 -37.75
CA GLN B 50 6.72 9.89 -36.63
C GLN B 50 7.69 9.16 -35.71
N GLU B 51 8.71 8.51 -36.28
CA GLU B 51 9.70 7.80 -35.47
C GLU B 51 10.58 8.76 -34.68
N GLU B 52 11.01 9.87 -35.30
CA GLU B 52 11.66 10.94 -34.55
C GLU B 52 10.76 11.52 -33.47
N ALA B 53 9.48 11.72 -33.78
CA ALA B 53 8.55 12.33 -32.83
C ALA B 53 8.31 11.46 -31.60
N GLU B 54 8.16 10.14 -31.78
CA GLU B 54 8.06 9.25 -30.62
C GLU B 54 9.29 9.31 -29.71
N GLU B 55 10.49 9.26 -30.30
CA GLU B 55 11.69 9.44 -29.48
C GLU B 55 11.79 10.83 -28.87
N LEU B 56 11.29 11.87 -29.55
CA LEU B 56 11.23 13.19 -28.92
C LEU B 56 10.33 13.17 -27.70
N LEU B 57 9.12 12.63 -27.84
CA LEU B 57 8.17 12.63 -26.73
C LEU B 57 8.67 11.77 -25.58
N GLN B 58 9.28 10.62 -25.90
CA GLN B 58 9.94 9.80 -24.88
C GLN B 58 11.09 10.55 -24.22
N ALA B 59 11.86 11.32 -24.99
CA ALA B 59 12.97 12.07 -24.42
C ALA B 59 12.47 13.10 -23.42
N LEU B 60 11.42 13.85 -23.79
CA LEU B 60 10.82 14.79 -22.86
C LEU B 60 10.20 14.08 -21.68
N HIS B 61 9.50 12.96 -21.93
CA HIS B 61 8.85 12.22 -20.87
C HIS B 61 9.86 11.73 -19.83
N ARG B 62 10.95 11.11 -20.28
CA ARG B 62 12.01 10.69 -19.36
C ARG B 62 12.65 11.88 -18.66
N LEU B 63 12.92 12.96 -19.39
CA LEU B 63 13.52 14.14 -18.77
C LEU B 63 12.61 14.76 -17.72
N THR B 64 11.35 15.01 -18.08
CA THR B 64 10.41 15.62 -17.14
C THR B 64 10.08 14.72 -15.96
N ARG B 65 9.90 13.41 -16.20
CA ARG B 65 9.66 12.49 -15.10
C ARG B 65 10.86 12.39 -14.17
N LEU B 66 12.08 12.41 -14.71
CA LEU B 66 13.26 12.35 -13.83
C LEU B 66 13.42 13.63 -13.02
N VAL B 67 13.19 14.79 -13.65
CA VAL B 67 13.25 16.07 -12.93
C VAL B 67 12.19 16.12 -11.84
N ALA B 68 10.97 15.69 -12.14
CA ALA B 68 9.92 15.63 -11.14
C ALA B 68 10.29 14.64 -10.03
N PHE B 69 10.92 13.53 -10.39
CA PHE B 69 11.21 12.49 -9.41
C PHE B 69 12.18 13.00 -8.35
N ARG B 70 13.23 13.72 -8.77
CA ARG B 70 14.27 14.18 -7.85
C ARG B 70 13.98 15.56 -7.25
N ASP B 71 12.88 16.19 -7.65
CA ASP B 71 12.52 17.54 -7.21
C ASP B 71 13.69 18.52 -7.40
N LEU B 72 14.19 18.59 -8.63
CA LEU B 72 15.30 19.46 -8.99
C LEU B 72 14.82 20.91 -9.04
N SER B 73 15.25 21.72 -8.07
CA SER B 73 14.70 23.06 -7.89
C SER B 73 15.72 24.17 -8.12
N SER B 74 16.91 23.85 -8.64
CA SER B 74 17.86 24.87 -9.06
C SER B 74 18.30 24.63 -10.50
N ALA B 75 18.65 25.72 -11.18
CA ALA B 75 19.03 25.63 -12.59
C ALA B 75 20.29 24.80 -12.79
N GLU B 76 21.32 25.04 -11.96
CA GLU B 76 22.57 24.29 -12.07
C GLU B 76 22.34 22.78 -11.93
N ALA B 77 21.44 22.38 -11.03
CA ALA B 77 21.15 20.95 -10.88
C ALA B 77 20.42 20.39 -12.09
N ILE B 78 19.62 21.21 -12.77
CA ILE B 78 19.02 20.77 -14.02
C ILE B 78 20.04 20.85 -15.17
N LEU B 79 20.76 21.96 -15.26
CA LEU B 79 21.76 22.14 -16.31
C LEU B 79 22.85 21.06 -16.28
N ALA B 80 23.19 20.58 -15.08
CA ALA B 80 24.22 19.54 -14.95
C ALA B 80 23.85 18.25 -15.69
N LEU B 81 22.57 18.05 -16.00
CA LEU B 81 22.17 16.87 -16.76
C LEU B 81 22.68 16.91 -18.20
N PHE B 82 22.90 18.12 -18.76
CA PHE B 82 23.14 18.29 -20.19
C PHE B 82 24.64 18.26 -20.53
N PRO B 83 24.96 17.77 -21.72
CA PRO B 83 26.35 17.76 -22.18
C PRO B 83 26.89 19.15 -22.46
N GLU B 84 28.23 19.24 -22.40
CA GLU B 84 28.95 20.49 -22.67
CA GLU B 84 28.86 20.53 -22.65
C GLU B 84 28.60 21.05 -24.05
N ASN B 85 28.40 20.17 -25.03
CA ASN B 85 28.25 20.53 -26.43
C ASN B 85 26.78 20.63 -26.84
N PHE B 86 25.89 20.79 -25.87
CA PHE B 86 24.44 20.80 -26.12
C PHE B 86 23.99 22.25 -26.16
N HIS B 87 23.17 22.57 -27.17
CA HIS B 87 22.71 23.93 -27.47
C HIS B 87 22.32 24.68 -26.20
N GLN B 88 23.01 25.80 -25.94
CA GLN B 88 22.83 26.54 -24.70
C GLN B 88 21.45 27.18 -24.61
N ASN B 89 21.00 27.83 -25.68
CA ASN B 89 19.73 28.55 -25.61
C ASN B 89 18.54 27.58 -25.51
N LEU B 90 18.66 26.39 -26.09
CA LEU B 90 17.64 25.36 -25.90
C LEU B 90 17.60 24.86 -24.45
N LYS B 91 18.76 24.54 -23.88
CA LYS B 91 18.79 24.07 -22.50
C LYS B 91 18.33 25.13 -21.51
N ASN B 92 18.62 26.41 -21.77
CA ASN B 92 18.06 27.48 -20.95
C ASN B 92 16.54 27.52 -21.06
N LEU B 93 16.01 27.36 -22.27
CA LEU B 93 14.56 27.35 -22.46
C LEU B 93 13.92 26.16 -21.76
N LEU B 94 14.50 24.97 -21.95
CA LEU B 94 14.01 23.78 -21.25
C LEU B 94 14.12 23.91 -19.74
N THR B 95 15.24 24.46 -19.25
CA THR B 95 15.40 24.65 -17.81
C THR B 95 14.36 25.59 -17.23
N LYS B 96 14.11 26.73 -17.88
CA LYS B 96 13.04 27.62 -17.44
C LYS B 96 11.69 26.92 -17.41
N ILE B 97 11.32 26.26 -18.51
CA ILE B 97 10.01 25.62 -18.60
C ILE B 97 9.86 24.53 -17.56
N ILE B 98 10.93 23.77 -17.30
CA ILE B 98 10.92 22.80 -16.20
C ILE B 98 10.59 23.48 -14.88
N LEU B 99 11.26 24.59 -14.57
CA LEU B 99 11.03 25.28 -13.30
C LEU B 99 9.64 25.90 -13.23
N GLU B 100 9.08 26.27 -14.38
CA GLU B 100 7.70 26.71 -14.46
C GLU B 100 6.68 25.62 -14.15
N HIS B 101 7.04 24.34 -14.32
CA HIS B 101 6.07 23.26 -14.13
C HIS B 101 6.39 22.28 -13.01
N VAL B 102 7.63 22.24 -12.51
CA VAL B 102 8.06 21.12 -11.66
C VAL B 102 7.15 20.98 -10.44
N SER B 103 6.73 22.11 -9.85
CA SER B 103 5.75 22.06 -8.77
C SER B 103 4.43 21.47 -9.22
N THR B 104 3.96 21.86 -10.41
CA THR B 104 2.70 21.34 -10.95
C THR B 104 2.82 19.87 -11.31
N TRP B 105 3.88 19.50 -12.03
CA TRP B 105 4.07 18.12 -12.46
C TRP B 105 4.17 17.18 -11.27
N ARG B 106 5.01 17.55 -10.29
CA ARG B 106 5.19 16.74 -9.08
C ARG B 106 3.88 16.53 -8.33
N THR B 107 3.03 17.57 -8.29
CA THR B 107 1.68 17.44 -7.73
C THR B 107 0.77 16.55 -8.56
N GLU B 108 0.78 16.70 -9.88
CA GLU B 108 -0.05 15.85 -10.74
C GLU B 108 0.26 14.37 -10.54
N ALA B 109 1.53 14.03 -10.37
CA ALA B 109 1.90 12.63 -10.19
C ALA B 109 1.44 12.12 -8.82
N GLN B 110 1.56 12.97 -7.79
CA GLN B 110 1.09 12.63 -6.45
C GLN B 110 -0.42 12.50 -6.37
N ALA B 111 -1.17 13.04 -7.34
CA ALA B 111 -2.61 12.83 -7.42
C ALA B 111 -3.00 11.51 -8.07
N ASN B 112 -2.06 10.85 -8.74
CA ASN B 112 -2.33 9.65 -9.50
C ASN B 112 -1.42 8.51 -9.06
N GLN B 113 -0.57 8.76 -8.07
CA GLN B 113 0.11 7.73 -7.30
C GLN B 113 -0.83 6.61 -6.88
N ILE B 114 -0.27 5.41 -6.75
CA ILE B 114 -1.07 4.21 -6.53
C ILE B 114 -1.58 4.16 -5.09
N SER B 115 -2.70 3.46 -4.90
CA SER B 115 -3.32 3.33 -3.60
C SER B 115 -4.29 2.15 -3.63
N LEU B 116 -4.77 1.77 -2.44
CA LEU B 116 -6.02 1.03 -2.36
C LEU B 116 -7.18 1.85 -2.92
N PRO B 117 -8.38 1.28 -3.12
CA PRO B 117 -9.46 2.04 -3.75
C PRO B 117 -9.82 3.29 -2.96
N ARG B 118 -10.02 4.39 -3.68
CA ARG B 118 -10.03 5.73 -3.09
C ARG B 118 -11.46 6.21 -2.94
N LEU B 119 -11.78 6.81 -1.79
CA LEU B 119 -13.08 7.47 -1.66
C LEU B 119 -13.11 8.70 -2.55
N VAL B 120 -14.19 8.85 -3.32
CA VAL B 120 -14.34 10.00 -4.21
C VAL B 120 -15.56 10.85 -3.86
N ASP B 121 -16.58 10.24 -3.28
CA ASP B 121 -17.74 10.98 -2.81
C ASP B 121 -18.44 10.22 -1.70
N LEU B 122 -19.22 10.95 -0.91
CA LEU B 122 -19.77 10.45 0.34
C LEU B 122 -21.09 11.16 0.63
N ASP B 123 -22.06 10.40 1.12
CA ASP B 123 -23.39 10.92 1.42
C ASP B 123 -24.01 10.04 2.50
N TRP B 124 -25.01 10.60 3.19
CA TRP B 124 -25.65 9.85 4.27
C TRP B 124 -27.08 10.33 4.47
N ARG B 125 -27.87 9.49 5.13
CA ARG B 125 -29.28 9.74 5.40
C ARG B 125 -29.65 9.07 6.71
N VAL B 126 -30.54 9.68 7.47
CA VAL B 126 -31.14 9.06 8.64
C VAL B 126 -32.62 8.80 8.39
N ASP B 127 -33.11 7.65 8.86
CA ASP B 127 -34.30 7.01 8.33
C ASP B 127 -34.87 6.13 9.45
N ILE B 128 -36.15 6.29 9.75
CA ILE B 128 -36.75 5.64 10.92
C ILE B 128 -37.53 4.42 10.43
N LYS B 129 -37.12 3.24 10.93
CA LYS B 129 -37.65 1.95 10.54
C LYS B 129 -38.82 1.53 11.42
N THR B 130 -39.66 0.65 10.87
CA THR B 130 -40.79 0.10 11.59
C THR B 130 -40.33 -0.71 12.82
N ALA B 139 -40.34 1.97 16.88
CA ALA B 139 -39.63 2.43 15.69
C ALA B 139 -38.25 2.97 16.07
N VAL B 140 -37.30 2.89 15.14
CA VAL B 140 -35.88 2.97 15.49
C VAL B 140 -35.13 3.66 14.35
N PRO B 141 -34.14 4.49 14.65
CA PRO B 141 -33.43 5.21 13.58
C PRO B 141 -32.33 4.37 12.96
N THR B 142 -32.07 4.62 11.68
CA THR B 142 -30.98 3.98 10.95
C THR B 142 -30.36 4.97 9.98
N CYS B 143 -29.07 4.78 9.71
CA CYS B 143 -28.30 5.62 8.81
C CYS B 143 -27.90 4.83 7.57
N LEU B 144 -28.23 5.36 6.39
CA LEU B 144 -27.85 4.75 5.11
C LEU B 144 -26.63 5.47 4.56
N LEU B 145 -25.45 4.95 4.90
CA LEU B 145 -24.17 5.56 4.56
C LEU B 145 -23.78 5.19 3.13
N GLN B 146 -23.72 6.17 2.24
CA GLN B 146 -23.53 5.94 0.81
C GLN B 146 -22.19 6.50 0.37
N MET B 147 -21.33 5.61 -0.13
CA MET B 147 -19.97 5.95 -0.53
C MET B 147 -19.77 5.61 -2.00
N LYS B 148 -19.10 6.50 -2.73
CA LYS B 148 -18.56 6.17 -4.05
C LYS B 148 -17.07 5.91 -3.94
N ILE B 149 -16.66 4.71 -4.36
CA ILE B 149 -15.27 4.28 -4.36
C ILE B 149 -14.75 4.34 -5.79
N GLN B 150 -13.52 4.84 -5.97
CA GLN B 150 -12.87 4.85 -7.28
C GLN B 150 -11.65 3.95 -7.25
N GLU B 151 -11.72 2.84 -7.99
CA GLU B 151 -10.62 1.91 -8.18
C GLU B 151 -9.83 2.27 -9.44
N ASP B 152 -8.59 1.83 -9.49
CA ASP B 152 -7.71 2.13 -10.62
C ASP B 152 -8.24 1.46 -11.89
N PRO B 153 -8.45 2.20 -12.97
CA PRO B 153 -8.94 1.60 -14.22
C PRO B 153 -8.10 0.43 -14.72
N SER B 154 -6.80 0.42 -14.40
CA SER B 154 -5.91 -0.66 -14.80
C SER B 154 -6.27 -2.00 -14.17
N LEU B 155 -7.07 -2.00 -13.10
CA LEU B 155 -7.09 -3.13 -12.18
C LEU B 155 -8.51 -3.59 -11.87
N CYS B 156 -9.50 -2.70 -11.94
CA CYS B 156 -10.89 -3.12 -11.79
C CYS B 156 -11.34 -4.06 -12.92
N GLY B 157 -10.65 -4.05 -14.05
CA GLY B 157 -11.08 -4.82 -15.21
C GLY B 157 -11.95 -4.05 -16.17
N ASP B 158 -12.97 -4.72 -16.72
CA ASP B 158 -13.99 -4.04 -17.51
C ASP B 158 -15.18 -3.58 -16.68
N LYS B 159 -15.18 -3.85 -15.37
CA LYS B 159 -16.08 -3.17 -14.45
C LYS B 159 -15.78 -1.67 -14.44
N PRO B 160 -16.73 -0.85 -13.98
CA PRO B 160 -16.47 0.60 -13.91
C PRO B 160 -15.45 0.91 -12.84
N SER B 161 -14.69 1.98 -13.08
CA SER B 161 -13.77 2.48 -12.06
C SER B 161 -14.49 2.92 -10.79
N ILE B 162 -15.68 3.50 -10.94
CA ILE B 162 -16.42 4.07 -9.83
C ILE B 162 -17.52 3.11 -9.42
N SER B 163 -17.50 2.69 -8.16
CA SER B 163 -18.49 1.77 -7.59
C SER B 163 -19.06 2.36 -6.32
N ALA B 164 -20.37 2.23 -6.16
CA ALA B 164 -21.09 2.80 -5.02
C ALA B 164 -21.34 1.74 -3.96
N VAL B 165 -20.97 2.05 -2.71
CA VAL B 165 -21.27 1.20 -1.56
C VAL B 165 -22.30 1.92 -0.70
N THR B 166 -23.27 1.15 -0.19
CA THR B 166 -24.28 1.67 0.72
C THR B 166 -24.35 0.77 1.94
N VAL B 167 -24.27 1.38 3.14
CA VAL B 167 -24.12 0.65 4.40
C VAL B 167 -25.19 1.12 5.36
N GLU B 168 -25.86 0.17 6.02
CA GLU B 168 -26.72 0.49 7.17
C GLU B 168 -25.86 0.62 8.41
N LEU B 169 -25.80 1.82 8.99
CA LEU B 169 -25.35 2.00 10.37
C LEU B 169 -26.55 2.13 11.29
N SER B 170 -26.65 1.23 12.27
CA SER B 170 -27.51 1.41 13.42
C SER B 170 -26.85 2.35 14.43
N LYS B 171 -27.65 2.81 15.39
CA LYS B 171 -27.13 3.69 16.44
C LYS B 171 -25.97 3.04 17.17
N GLU B 172 -26.09 1.74 17.46
CA GLU B 172 -25.04 1.01 18.17
C GLU B 172 -23.75 0.93 17.35
N THR B 173 -23.87 0.54 16.08
CA THR B 173 -22.70 0.41 15.23
C THR B 173 -22.08 1.76 14.89
N LEU B 174 -22.92 2.78 14.70
CA LEU B 174 -22.42 4.14 14.52
C LEU B 174 -21.53 4.58 15.69
N ASP B 175 -21.90 4.20 16.92
CA ASP B 175 -21.02 4.49 18.05
C ASP B 175 -19.71 3.71 17.98
N THR B 176 -19.75 2.46 17.53
CA THR B 176 -18.51 1.71 17.34
C THR B 176 -17.64 2.29 16.24
N MET B 177 -18.25 2.84 15.19
CA MET B 177 -17.47 3.49 14.13
C MET B 177 -16.86 4.80 14.61
N LEU B 178 -17.64 5.64 15.28
CA LEU B 178 -17.11 6.91 15.78
C LEU B 178 -16.09 6.72 16.89
N ASP B 179 -16.20 5.64 17.66
CA ASP B 179 -15.11 5.25 18.55
C ASP B 179 -13.82 4.97 17.78
N GLY B 180 -13.95 4.34 16.61
CA GLY B 180 -12.78 4.10 15.78
C GLY B 180 -12.24 5.37 15.13
N LEU B 181 -13.12 6.15 14.53
CA LEU B 181 -12.75 7.48 14.03
C LEU B 181 -12.24 8.39 15.14
N GLY B 182 -12.69 8.18 16.39
CA GLY B 182 -12.07 8.80 17.54
C GLY B 182 -10.60 8.45 17.73
N ARG B 183 -10.30 7.16 17.91
CA ARG B 183 -8.93 6.72 18.10
C ARG B 183 -8.00 7.19 16.97
N ILE B 184 -8.50 7.23 15.73
CA ILE B 184 -7.68 7.73 14.63
C ILE B 184 -7.26 9.18 14.86
N ARG B 185 -8.22 10.06 15.20
CA ARG B 185 -7.83 11.45 15.41
C ARG B 185 -6.94 11.62 16.65
N ASP B 186 -7.03 10.69 17.60
CA ASP B 186 -6.13 10.69 18.75
C ASP B 186 -4.74 10.22 18.35
N GLN B 187 -4.67 9.09 17.63
CA GLN B 187 -3.40 8.60 17.09
C GLN B 187 -2.71 9.66 16.25
N LEU B 188 -3.49 10.44 15.48
CA LEU B 188 -3.00 11.54 14.67
C LEU B 188 -2.46 12.71 15.49
N SER B 189 -2.44 12.60 16.82
CA SER B 189 -1.77 13.56 17.69
C SER B 189 -0.54 13.00 18.39
N ALA B 190 -0.61 11.78 18.90
CA ALA B 190 0.42 11.11 19.71
C ALA B 190 1.68 10.74 18.92
N VAL B 191 1.83 11.14 17.66
CA VAL B 191 3.00 10.78 16.87
C VAL B 191 4.27 11.34 17.51
N ALA B 192 5.33 10.51 17.54
CA ALA B 192 6.64 10.93 18.00
C ALA B 192 6.63 11.44 19.44
N SER B 193 5.70 10.95 20.26
CA SER B 193 5.76 11.26 21.68
C SER B 193 7.07 10.76 22.30
N LYS B 194 7.29 11.20 23.54
CA LYS B 194 8.37 10.72 24.41
C LYS B 194 9.72 10.66 23.69
N LEU C 1 3.17 -16.22 -22.39
CA LEU C 1 3.51 -15.84 -21.03
C LEU C 1 3.90 -14.36 -20.97
N PRO C 2 3.22 -13.59 -20.12
CA PRO C 2 3.30 -12.13 -20.22
C PRO C 2 4.57 -11.58 -19.59
N HIS C 3 5.11 -10.56 -20.25
CA HIS C 3 6.15 -9.69 -19.69
C HIS C 3 5.53 -8.49 -18.97
N VAL C 4 6.32 -7.87 -18.11
CA VAL C 4 5.87 -6.67 -17.40
C VAL C 4 5.68 -5.52 -18.39
N ALA C 5 4.45 -5.01 -18.44
CA ALA C 5 4.14 -3.81 -19.22
C ALA C 5 4.42 -2.54 -18.44
N ASP C 6 4.09 -2.52 -17.15
CA ASP C 6 4.43 -1.42 -16.27
C ASP C 6 4.64 -1.95 -14.86
N PHE C 7 5.55 -1.31 -14.13
CA PHE C 7 5.81 -1.63 -12.75
C PHE C 7 5.95 -0.35 -11.92
N ARG C 8 5.28 -0.34 -10.77
CA ARG C 8 4.93 0.87 -10.04
C ARG C 8 4.86 0.52 -8.56
N TRP C 9 5.15 1.50 -7.71
CA TRP C 9 5.22 1.22 -6.28
C TRP C 9 4.96 2.50 -5.49
N ARG C 10 4.77 2.33 -4.18
CA ARG C 10 5.04 3.36 -3.20
C ARG C 10 5.56 2.72 -1.92
N VAL C 11 6.44 3.42 -1.23
CA VAL C 11 7.04 2.96 0.02
C VAL C 11 6.35 3.67 1.18
N ASP C 12 5.72 2.89 2.06
CA ASP C 12 4.89 3.41 3.13
C ASP C 12 5.45 2.95 4.47
N VAL C 13 5.31 3.80 5.48
CA VAL C 13 5.50 3.40 6.88
C VAL C 13 4.18 3.61 7.63
N ALA C 14 3.67 2.53 8.22
CA ALA C 14 2.44 2.58 9.00
C ALA C 14 2.75 3.11 10.39
N ILE C 15 2.16 4.25 10.74
CA ILE C 15 2.39 4.85 12.05
C ILE C 15 1.49 4.25 13.12
N SER C 16 0.21 4.06 12.80
CA SER C 16 -0.72 3.52 13.79
C SER C 16 -1.76 2.66 13.09
N THR C 17 -2.31 1.70 13.84
CA THR C 17 -3.33 0.79 13.32
C THR C 17 -4.39 0.55 14.38
N SER C 18 -5.48 -0.09 13.96
CA SER C 18 -6.59 -0.41 14.85
C SER C 18 -6.18 -1.21 16.08
N ALA C 19 -5.01 -1.84 16.06
CA ALA C 19 -4.58 -2.69 17.16
C ALA C 19 -3.13 -2.43 17.58
N LEU C 20 -2.55 -1.31 17.15
CA LEU C 20 -1.22 -0.94 17.61
C LEU C 20 -1.04 0.57 17.52
N ALA C 21 -0.66 1.18 18.64
CA ALA C 21 -0.63 2.63 18.75
C ALA C 21 0.48 3.23 17.90
N ARG C 22 1.63 2.55 17.84
CA ARG C 22 2.84 3.12 17.26
C ARG C 22 3.67 1.97 16.67
N SER C 23 3.35 1.60 15.42
CA SER C 23 3.95 0.46 14.73
C SER C 23 5.23 0.82 14.00
N LEU C 24 5.25 1.95 13.29
CA LEU C 24 6.44 2.43 12.57
C LEU C 24 7.09 1.36 11.67
N GLN C 25 6.29 0.42 11.17
CA GLN C 25 6.82 -0.69 10.40
C GLN C 25 6.54 -0.46 8.92
N PRO C 26 7.54 -0.46 8.06
CA PRO C 26 7.31 -0.08 6.65
C PRO C 26 6.81 -1.25 5.82
N SER C 27 6.30 -0.91 4.64
CA SER C 27 5.97 -1.88 3.61
C SER C 27 6.10 -1.22 2.24
N VAL C 28 6.27 -2.04 1.21
CA VAL C 28 6.24 -1.59 -0.18
C VAL C 28 4.94 -2.08 -0.81
N LEU C 29 4.14 -1.14 -1.29
CA LEU C 29 3.00 -1.46 -2.14
C LEU C 29 3.46 -1.60 -3.59
N MET C 30 3.08 -2.71 -4.22
CA MET C 30 3.43 -3.00 -5.61
C MET C 30 2.18 -2.91 -6.47
N GLN C 31 2.34 -2.42 -7.69
CA GLN C 31 1.32 -2.63 -8.72
C GLN C 31 2.01 -2.99 -10.03
N LEU C 32 1.66 -4.16 -10.57
CA LEU C 32 2.11 -4.64 -11.87
C LEU C 32 0.97 -4.53 -12.88
N LYS C 33 1.29 -4.04 -14.08
CA LYS C 33 0.49 -4.30 -15.27
C LYS C 33 1.33 -5.06 -16.27
N LEU C 34 0.71 -6.01 -16.97
CA LEU C 34 1.43 -7.01 -17.75
C LEU C 34 1.02 -6.96 -19.21
N SER C 35 1.82 -7.65 -20.04
CA SER C 35 1.66 -7.60 -21.49
C SER C 35 0.39 -8.26 -21.99
N ASP C 36 -0.21 -9.15 -21.18
CA ASP C 36 -1.52 -9.70 -21.50
C ASP C 36 -2.66 -8.80 -21.05
N GLY C 37 -2.35 -7.61 -20.51
CA GLY C 37 -3.34 -6.71 -19.99
C GLY C 37 -3.87 -7.05 -18.62
N SER C 38 -3.24 -8.00 -17.93
CA SER C 38 -3.56 -8.27 -16.55
C SER C 38 -2.87 -7.24 -15.64
N ALA C 39 -3.42 -7.09 -14.44
CA ALA C 39 -2.79 -6.20 -13.47
C ALA C 39 -2.99 -6.77 -12.07
N TYR C 40 -2.06 -6.45 -11.18
CA TYR C 40 -2.10 -6.94 -9.81
C TYR C 40 -1.60 -5.84 -8.87
N ARG C 41 -2.22 -5.73 -7.71
CA ARG C 41 -1.76 -4.86 -6.64
C ARG C 41 -1.60 -5.69 -5.37
N PHE C 42 -0.44 -5.55 -4.73
CA PHE C 42 -0.14 -6.35 -3.54
C PHE C 42 0.86 -5.62 -2.67
N GLU C 43 0.81 -5.92 -1.37
CA GLU C 43 1.66 -5.30 -0.37
C GLU C 43 2.76 -6.26 0.03
N VAL C 44 4.00 -5.79 0.02
CA VAL C 44 5.17 -6.62 0.23
C VAL C 44 5.83 -6.21 1.54
N PRO C 45 5.88 -7.07 2.55
CA PRO C 45 6.68 -6.81 3.74
C PRO C 45 8.15 -6.64 3.38
N THR C 46 8.87 -5.93 4.25
CA THR C 46 10.29 -5.64 3.99
C THR C 46 11.10 -6.92 3.86
N ALA C 47 10.81 -7.92 4.70
CA ALA C 47 11.51 -9.19 4.59
C ALA C 47 11.29 -9.84 3.22
N LYS C 48 10.06 -9.81 2.72
CA LYS C 48 9.76 -10.36 1.40
C LYS C 48 10.34 -9.52 0.26
N PHE C 49 10.49 -8.21 0.47
CA PHE C 49 11.19 -7.38 -0.52
C PHE C 49 12.67 -7.70 -0.61
N GLN C 50 13.33 -7.90 0.54
CA GLN C 50 14.74 -8.26 0.50
C GLN C 50 14.95 -9.61 -0.20
N GLU C 51 14.03 -10.55 0.00
CA GLU C 51 14.07 -11.82 -0.74
C GLU C 51 13.98 -11.59 -2.24
N LEU C 52 12.94 -10.87 -2.69
CA LEU C 52 12.79 -10.54 -4.10
C LEU C 52 14.01 -9.80 -4.66
N ARG C 53 14.49 -8.79 -3.94
CA ARG C 53 15.65 -8.02 -4.40
C ARG C 53 16.90 -8.88 -4.53
N TYR C 54 17.12 -9.79 -3.57
CA TYR C 54 18.26 -10.68 -3.64
C TYR C 54 18.12 -11.72 -4.75
N SER C 55 16.90 -12.21 -4.95
CA SER C 55 16.63 -13.19 -6.00
C SER C 55 16.94 -12.64 -7.40
N VAL C 56 16.50 -11.42 -7.68
CA VAL C 56 16.83 -10.75 -8.94
C VAL C 56 18.34 -10.62 -9.14
N ALA C 57 19.10 -10.49 -8.05
CA ALA C 57 20.55 -10.36 -8.19
C ALA C 57 21.20 -11.67 -8.64
N LEU C 58 20.76 -12.81 -8.09
CA LEU C 58 21.22 -14.11 -8.55
C LEU C 58 20.93 -14.31 -10.03
N VAL C 59 19.67 -14.19 -10.42
CA VAL C 59 19.25 -14.48 -11.80
C VAL C 59 19.93 -13.57 -12.82
N LEU C 60 20.18 -12.31 -12.46
CA LEU C 60 21.01 -11.45 -13.31
C LEU C 60 22.43 -11.98 -13.45
N LYS C 61 23.02 -12.50 -12.37
CA LYS C 61 24.38 -13.02 -12.44
C LYS C 61 24.48 -14.26 -13.33
N GLU C 62 23.55 -15.20 -13.17
CA GLU C 62 23.48 -16.36 -14.07
C GLU C 62 23.26 -15.96 -15.52
N MET C 63 22.27 -15.12 -15.79
CA MET C 63 22.03 -14.68 -17.16
C MET C 63 23.26 -14.00 -17.77
N ALA C 64 23.92 -13.12 -17.02
CA ALA C 64 25.12 -12.47 -17.57
C ALA C 64 26.28 -13.44 -17.76
N ASP C 65 26.40 -14.45 -16.90
CA ASP C 65 27.41 -15.49 -17.11
C ASP C 65 27.15 -16.31 -18.36
N LEU C 66 25.94 -16.87 -18.47
CA LEU C 66 25.58 -17.68 -19.63
C LEU C 66 25.65 -16.89 -20.93
N GLU C 67 25.29 -15.61 -20.88
CA GLU C 67 25.50 -14.73 -22.04
C GLU C 67 26.98 -14.59 -22.38
N LYS C 68 27.84 -14.41 -21.38
CA LYS C 68 29.27 -14.29 -21.62
C LYS C 68 29.89 -15.59 -22.13
N ARG C 69 29.44 -16.74 -21.60
CA ARG C 69 29.91 -18.03 -22.09
C ARG C 69 29.63 -18.24 -23.57
N CYS C 70 28.56 -17.64 -24.10
CA CYS C 70 28.32 -17.75 -25.54
C CYS C 70 29.38 -17.05 -26.38
N GLU C 71 29.99 -15.98 -25.87
CA GLU C 71 31.15 -15.41 -26.56
C GLU C 71 32.35 -16.34 -26.51
N ARG C 72 32.57 -17.00 -25.37
CA ARG C 72 33.54 -18.10 -25.29
C ARG C 72 33.19 -19.24 -26.23
N ARG C 73 31.91 -19.43 -26.53
CA ARG C 73 31.46 -20.42 -27.49
C ARG C 73 31.73 -20.01 -28.94
N LEU C 74 31.70 -18.71 -29.25
CA LEU C 74 32.18 -18.28 -30.56
C LEU C 74 33.70 -18.35 -30.68
N ASP C 75 34.42 -18.05 -29.60
CA ASP C 75 35.83 -18.44 -29.53
C ASP C 75 35.99 -19.93 -29.22
N ILE D 1 -29.81 -4.58 4.38
CA ILE D 1 -28.68 -4.50 3.45
C ILE D 1 -27.42 -4.05 4.19
N ASN D 2 -26.29 -4.66 3.79
CA ASN D 2 -24.94 -4.22 4.11
C ASN D 2 -24.78 -3.60 5.49
N GLN D 3 -25.14 -4.34 6.54
CA GLN D 3 -24.97 -3.87 7.90
C GLN D 3 -23.50 -4.02 8.31
N LEU D 4 -22.87 -2.91 8.67
CA LEU D 4 -21.51 -2.97 9.22
C LEU D 4 -21.49 -3.78 10.51
N ILE D 5 -20.38 -4.48 10.74
CA ILE D 5 -20.19 -5.22 11.99
C ILE D 5 -18.88 -4.83 12.67
N ASP D 6 -17.87 -4.44 11.87
CA ASP D 6 -16.57 -4.14 12.44
C ASP D 6 -15.79 -3.27 11.45
N MET D 7 -14.70 -2.68 11.96
CA MET D 7 -13.89 -1.74 11.22
C MET D 7 -12.42 -1.93 11.62
N GLU D 8 -11.52 -1.67 10.66
CA GLU D 8 -10.11 -1.53 10.95
C GLU D 8 -9.53 -0.38 10.12
N TRP D 9 -8.34 0.06 10.48
CA TRP D 9 -7.66 1.11 9.73
C TRP D 9 -6.14 0.96 9.84
N LYS D 10 -5.46 1.54 8.85
CA LYS D 10 -4.02 1.77 8.91
C LYS D 10 -3.74 3.24 8.62
N PHE D 11 -3.05 3.91 9.54
CA PHE D 11 -2.68 5.32 9.41
C PHE D 11 -1.17 5.42 9.25
N GLY D 12 -0.73 6.16 8.24
CA GLY D 12 0.69 6.30 8.02
C GLY D 12 1.04 7.43 7.06
N VAL D 13 2.33 7.52 6.74
CA VAL D 13 2.88 8.46 5.77
C VAL D 13 3.60 7.71 4.67
N THR D 14 3.56 8.27 3.46
CA THR D 14 4.19 7.68 2.28
C THR D 14 5.58 8.30 2.09
N SER D 15 6.61 7.47 2.23
CA SER D 15 8.00 7.94 2.09
C SER D 15 8.38 8.22 0.65
N GLY D 16 7.87 7.44 -0.29
CA GLY D 16 8.28 7.59 -1.68
C GLY D 16 7.42 6.74 -2.60
N SER D 17 7.59 6.95 -3.89
CA SER D 17 6.85 6.19 -4.88
C SER D 17 7.65 6.10 -6.18
N SER D 18 7.00 5.56 -7.22
CA SER D 18 7.58 5.50 -8.55
C SER D 18 7.77 6.88 -9.17
N GLU D 19 6.82 7.79 -8.95
CA GLU D 19 6.88 9.11 -9.57
C GLU D 19 7.62 10.14 -8.75
N LEU D 20 7.71 9.96 -7.44
CA LEU D 20 8.31 10.96 -6.55
C LEU D 20 9.26 10.28 -5.58
N GLU D 21 10.47 10.79 -5.48
CA GLU D 21 11.50 10.14 -4.66
C GLU D 21 11.16 10.28 -3.18
N LYS D 22 11.01 11.50 -2.71
CA LYS D 22 10.55 11.80 -1.37
C LYS D 22 9.15 12.40 -1.49
N VAL D 23 8.19 11.82 -0.76
CA VAL D 23 6.78 12.13 -0.95
C VAL D 23 6.20 12.83 0.27
N GLY D 24 6.20 12.16 1.42
CA GLY D 24 5.70 12.76 2.64
C GLY D 24 4.19 12.90 2.72
N SER D 25 3.46 12.47 1.69
CA SER D 25 2.00 12.47 1.76
C SER D 25 1.53 11.52 2.84
N ILE D 26 0.30 11.76 3.30
CA ILE D 26 -0.23 11.14 4.51
C ILE D 26 -1.60 10.59 4.19
N PHE D 27 -1.86 9.37 4.64
CA PHE D 27 -2.99 8.60 4.16
C PHE D 27 -3.62 7.82 5.29
N LEU D 28 -4.91 7.56 5.13
CA LEU D 28 -5.68 6.70 6.03
C LEU D 28 -6.32 5.63 5.15
N GLN D 29 -6.06 4.37 5.48
CA GLN D 29 -6.75 3.25 4.87
C GLN D 29 -7.74 2.66 5.87
N LEU D 30 -8.95 2.37 5.39
CA LEU D 30 -9.97 1.76 6.22
C LEU D 30 -10.36 0.40 5.64
N LYS D 31 -10.59 -0.55 6.54
CA LYS D 31 -11.20 -1.83 6.19
C LYS D 31 -12.54 -1.92 6.90
N LEU D 32 -13.62 -1.97 6.13
CA LEU D 32 -14.96 -2.07 6.67
C LEU D 32 -15.47 -3.49 6.51
N VAL D 33 -15.90 -4.10 7.60
CA VAL D 33 -16.41 -5.46 7.59
C VAL D 33 -17.93 -5.38 7.55
N VAL D 34 -18.52 -5.99 6.52
CA VAL D 34 -19.91 -5.81 6.17
C VAL D 34 -20.57 -7.19 6.14
N LYS D 35 -21.87 -7.24 6.40
CA LYS D 35 -22.64 -8.44 6.14
C LYS D 35 -23.87 -8.12 5.30
N LYS D 36 -24.25 -9.09 4.46
CA LYS D 36 -25.62 -9.28 4.02
C LYS D 36 -25.91 -10.77 4.07
N GLY D 37 -27.08 -11.13 4.60
CA GLY D 37 -27.61 -12.47 4.43
C GLY D 37 -26.72 -13.58 4.94
N ASN D 38 -26.03 -13.34 6.07
CA ASN D 38 -25.08 -14.30 6.66
C ASN D 38 -23.90 -14.63 5.74
N GLN D 39 -23.45 -13.70 4.90
CA GLN D 39 -22.08 -13.78 4.40
C GLN D 39 -21.39 -12.42 4.48
N THR D 40 -20.17 -12.43 5.02
CA THR D 40 -19.35 -11.25 5.24
C THR D 40 -18.74 -10.72 3.94
N GLU D 41 -18.40 -9.44 3.95
CA GLU D 41 -17.56 -8.81 2.93
C GLU D 41 -16.64 -7.80 3.60
N ASN D 42 -15.45 -7.61 3.04
CA ASN D 42 -14.56 -6.52 3.41
C ASN D 42 -14.56 -5.45 2.32
N VAL D 43 -14.76 -4.20 2.74
CA VAL D 43 -14.70 -3.04 1.84
C VAL D 43 -13.46 -2.23 2.20
N TYR D 44 -12.68 -1.85 1.18
CA TYR D 44 -11.39 -1.21 1.39
C TYR D 44 -11.42 0.20 0.80
N ILE D 45 -10.87 1.16 1.56
CA ILE D 45 -10.98 2.59 1.25
C ILE D 45 -9.66 3.25 1.68
N GLU D 46 -9.21 4.22 0.89
CA GLU D 46 -8.09 5.08 1.29
C GLU D 46 -8.48 6.54 1.24
N LEU D 47 -8.04 7.30 2.25
CA LEU D 47 -8.50 8.64 2.53
C LEU D 47 -7.31 9.56 2.78
N THR D 48 -7.39 10.78 2.27
CA THR D 48 -6.51 11.84 2.75
C THR D 48 -6.99 12.33 4.11
N LEU D 49 -6.15 13.13 4.77
CA LEU D 49 -6.57 13.72 6.04
C LEU D 49 -7.77 14.66 5.88
N PRO D 50 -7.84 15.53 4.88
CA PRO D 50 -9.09 16.30 4.67
C PRO D 50 -10.32 15.41 4.60
N GLN D 51 -10.22 14.29 3.88
CA GLN D 51 -11.32 13.35 3.77
C GLN D 51 -11.60 12.61 5.07
N PHE D 52 -10.57 12.38 5.91
CA PHE D 52 -10.83 11.82 7.22
C PHE D 52 -11.63 12.78 8.09
N TYR D 53 -11.17 14.02 8.24
CA TYR D 53 -11.87 14.98 9.09
C TYR D 53 -13.28 15.26 8.58
N SER D 54 -13.46 15.30 7.26
CA SER D 54 -14.81 15.45 6.73
C SER D 54 -15.65 14.19 6.97
N PHE D 55 -15.03 13.01 6.90
CA PHE D 55 -15.74 11.78 7.24
C PHE D 55 -16.14 11.76 8.71
N LEU D 56 -15.20 12.12 9.58
CA LEU D 56 -15.48 12.24 11.02
C LEU D 56 -16.56 13.29 11.30
N HIS D 57 -16.37 14.50 10.79
CA HIS D 57 -17.36 15.58 10.98
C HIS D 57 -18.77 15.17 10.55
N GLU D 58 -18.90 14.52 9.40
CA GLU D 58 -20.23 14.11 8.95
C GLU D 58 -20.81 12.98 9.78
N MET D 59 -19.98 12.01 10.19
CA MET D 59 -20.51 10.94 11.05
C MET D 59 -20.89 11.45 12.43
N GLU D 60 -20.24 12.52 12.90
CA GLU D 60 -20.69 13.21 14.11
C GLU D 60 -22.08 13.82 13.93
N ARG D 61 -22.31 14.47 12.79
CA ARG D 61 -23.64 14.99 12.47
C ARG D 61 -24.72 13.91 12.52
N VAL D 62 -24.38 12.69 12.08
CA VAL D 62 -25.32 11.57 12.22
C VAL D 62 -25.61 11.28 13.68
N ARG D 63 -24.57 11.25 14.51
CA ARG D 63 -24.75 10.95 15.93
C ARG D 63 -25.68 11.95 16.62
N THR D 64 -25.52 13.25 16.32
CA THR D 64 -26.47 14.23 16.82
C THR D 64 -27.89 13.92 16.35
N SER D 65 -28.05 13.46 15.12
CA SER D 65 -29.37 13.18 14.56
C SER D 65 -29.96 11.87 15.05
N MET D 66 -29.14 10.95 15.56
CA MET D 66 -29.63 9.67 16.03
C MET D 66 -29.95 9.68 17.52
N GLU D 67 -29.08 10.27 18.34
CA GLU D 67 -29.34 10.40 19.77
C GLU D 67 -30.59 11.22 20.05
N CYS D 68 -30.97 12.10 19.12
CA CYS D 68 -32.22 12.85 19.15
C CYS D 68 -33.48 11.98 19.26
N PHE D 69 -33.37 10.67 19.04
CA PHE D 69 -34.50 9.78 19.19
C PHE D 69 -34.28 8.81 20.35
N CYS D 70 -35.26 8.76 21.26
CA CYS D 70 -35.20 8.00 22.50
C CYS D 70 -33.85 8.11 23.21
#